data_204D
#
_entry.id   204D
#
_cell.length_a   1.000
_cell.length_b   1.000
_cell.length_c   1.000
_cell.angle_alpha   90.00
_cell.angle_beta   90.00
_cell.angle_gamma   90.00
#
_symmetry.space_group_name_H-M   'P 1'
#
loop_
_entity.id
_entity.type
_entity.pdbx_description
1 polymer "DNA (5'-D(*GP*CP*GP*TP*AP*CP*GP*C)-3')"
2 non-polymer "4'-HYDROXYMETHYL-4,5',8-TRIMETHYLPSORALEN"
#
_entity_poly.entity_id   1
_entity_poly.type   'polydeoxyribonucleotide'
_entity_poly.pdbx_seq_one_letter_code
;(DG)(DC)(DG)(DT)(DA)(DC)(DG)(DC)
;
_entity_poly.pdbx_strand_id   A,B
#
loop_
_chem_comp.id
_chem_comp.type
_chem_comp.name
_chem_comp.formula
DA DNA linking 2'-DEOXYADENOSINE-5'-MONOPHOSPHATE 'C10 H14 N5 O6 P'
DC DNA linking 2'-DEOXYCYTIDINE-5'-MONOPHOSPHATE 'C9 H14 N3 O7 P'
DG DNA linking 2'-DEOXYGUANOSINE-5'-MONOPHOSPHATE 'C10 H14 N5 O7 P'
DT DNA linking THYMIDINE-5'-MONOPHOSPHATE 'C10 H15 N2 O8 P'
PSO non-polymer 4'-HYDROXYMETHYL-4,5',8-TRIMETHYLPSORALEN 'C15 H14 O4'
#
# COMPACT_ATOMS: atom_id res chain seq x y z
O1 PSO C . -1.93 -2.24 1.12
C2 PSO C . -2.81 -1.81 1.90
C3 PSO C . -2.86 -0.38 2.43
C4 PSO C . -1.92 0.57 1.76
C5 PSO C . -0.17 0.77 0.13
C6 PSO C . 0.72 0.19 -0.80
C7 PSO C . 0.72 -1.15 -0.99
C8 PSO C . -0.05 -1.96 -0.17
C9 PSO C . -1.09 -1.42 0.61
C10 PSO C . -1.09 -0.04 0.82
C4' PSO C . 2.05 0.73 -1.24
C5' PSO C . 2.51 -0.47 -2.05
O6' PSO C . 1.64 -1.57 -1.75
O11 PSO C . -3.68 -2.60 2.26
C12 PSO C . -1.14 1.43 2.77
C13 PSO C . 2.01 2.09 -1.94
O14 PSO C . 0.92 2.30 -2.81
C15 PSO C . 2.58 -0.02 -3.51
C16 PSO C . 0.26 -3.44 -0.14
H3 PSO C . -2.80 -0.29 3.49
H5 PSO C . -0.23 1.81 0.40
H121 PSO C . -1.73 1.57 3.68
H122 PSO C . -0.25 0.88 3.05
H123 PSO C . -0.86 2.39 2.37
H131 PSO C . 1.86 2.75 -1.17
H132 PSO C . 2.96 2.38 -2.39
H14 PSO C . 0.09 2.12 -2.33
H151 PSO C . 1.62 0.41 -3.76
H152 PSO C . 3.34 0.73 -3.65
H153 PSO C . 2.75 -0.84 -4.20
H161 PSO C . 1.22 -3.52 0.33
H162 PSO C . -0.45 -4.01 0.47
H163 PSO C . 0.34 -3.83 -1.15
O1 PSO C . -1.91 -2.16 1.15
C2 PSO C . -2.83 -1.77 1.91
C3 PSO C . -2.97 -0.34 2.41
C4 PSO C . -2.02 0.63 1.79
C5 PSO C . -0.22 0.90 0.24
C6 PSO C . 0.67 0.37 -0.70
C7 PSO C . 0.71 -0.95 -0.93
C8 PSO C . -0.09 -1.82 -0.17
C9 PSO C . -1.10 -1.31 0.66
C10 PSO C . -1.11 0.05 0.91
C4' PSO C . 1.98 0.97 -1.13
C5' PSO C . 2.46 -0.19 -1.97
O6' PSO C . 1.61 -1.32 -1.72
O11 PSO C . -3.65 -2.59 2.29
C12 PSO C . -1.33 1.54 2.82
C13 PSO C . 1.89 2.34 -1.80
O14 PSO C . 0.82 2.51 -2.69
C15 PSO C . 2.54 0.30 -3.42
C16 PSO C . 0.15 -3.30 -0.23
H3 PSO C . -2.97 -0.20 3.46
H5 PSO C . -0.31 1.94 0.51
H121 PSO C . -1.97 1.68 3.70
H122 PSO C . -0.44 1.03 3.16
H123 PSO C . -1.05 2.51 2.43
H131 PSO C . 1.70 2.97 -1.02
H132 PSO C . 2.84 2.69 -2.22
H14 PSO C . 0.01 2.24 -2.24
H151 PSO C . 1.55 0.62 -3.70
H152 PSO C . 3.22 1.13 -3.53
H153 PSO C . 2.87 -0.47 -4.10
H161 PSO C . -0.78 -3.86 -0.27
H162 PSO C . 0.80 -3.57 -1.06
H163 PSO C . 0.67 -3.56 0.68
O1 PSO C . -1.90 -2.18 1.13
C2 PSO C . -2.81 -1.79 1.90
C3 PSO C . -2.95 -0.36 2.39
C4 PSO C . -2.00 0.62 1.77
C5 PSO C . -0.21 0.89 0.23
C6 PSO C . 0.69 0.36 -0.72
C7 PSO C . 0.71 -0.96 -0.96
C8 PSO C . -0.08 -1.83 -0.20
C9 PSO C . -1.09 -1.32 0.64
C10 PSO C . -1.10 0.04 0.88
C4' PSO C . 1.99 0.95 -1.16
C5' PSO C . 2.47 -0.22 -2.01
O6' PSO C . 1.62 -1.33 -1.75
O11 PSO C . -3.64 -2.61 2.26
C12 PSO C . -1.31 1.52 2.81
C13 PSO C . 1.90 2.33 -1.83
O14 PSO C . 0.82 2.51 -2.72
C15 PSO C . 2.55 0.28 -3.45
C16 PSO C . 0.16 -3.32 -0.26
H3 PSO C . -2.95 -0.23 3.46
H5 PSO C . -0.29 1.92 0.49
H121 PSO C . -1.95 1.66 3.68
H122 PSO C . -0.42 1.00 3.14
H123 PSO C . -1.03 2.49 2.41
H131 PSO C . 1.71 2.96 -1.04
H132 PSO C . 2.84 2.68 -2.25
H14 PSO C . 0.01 2.23 -2.26
H151 PSO C . 1.55 0.61 -3.74
H152 PSO C . 3.22 1.11 -3.57
H153 PSO C . 2.87 -0.48 -4.14
H161 PSO C . -0.77 -3.86 -0.31
H162 PSO C . 0.82 -3.59 -1.08
H163 PSO C . 0.67 -3.58 0.65
O1 PSO C . -1.80 -2.25 1.10
C2 PSO C . -2.71 -1.81 1.84
C3 PSO C . -2.81 -0.36 2.30
C4 PSO C . -1.83 0.57 1.66
C5 PSO C . -0.01 0.74 0.11
C6 PSO C . 0.87 0.15 -0.82
C7 PSO C . 0.86 -1.18 -1.01
C8 PSO C . 0.05 -2.00 -0.21
C9 PSO C . -0.95 -1.44 0.60
C10 PSO C . -0.94 -0.07 0.80
C4' PSO C . 2.18 0.69 -1.29
C5' PSO C . 2.61 -0.51 -2.11
O6' PSO C . 1.73 -1.60 -1.80
O11 PSO C . -3.57 -2.60 2.21
C12 PSO C . -1.14 1.49 2.67
C13 PSO C . 2.12 2.05 -2.00
O14 PSO C . 1.03 2.22 -2.87
C15 PSO C . 2.68 -0.06 -3.57
C16 PSO C . 0.25 -3.49 -0.21
H3 PSO C . -2.81 -0.20 3.34
H5 PSO C . -0.07 1.79 0.35
H121 PSO C . -1.82 1.70 3.50
H122 PSO C . -0.30 0.94 3.07
H123 PSO C . -0.79 2.42 2.24
H131 PSO C . 1.96 2.70 -1.22
H132 PSO C . 3.06 2.36 -2.44
H14 PSO C . 0.22 1.99 -2.42
H151 PSO C . 1.70 0.29 -3.86
H152 PSO C . 3.38 0.75 -3.71
H153 PSO C . 2.98 -0.85 -4.24
H161 PSO C . -0.70 -4.03 -0.22
H162 PSO C . 0.89 -3.82 -1.03
H163 PSO C . 0.76 -3.73 0.71
O1 PSO C . -1.92 -2.26 1.21
C2 PSO C . -2.83 -1.84 1.96
C3 PSO C . -2.94 -0.41 2.46
C4 PSO C . -1.95 0.53 1.86
C5 PSO C . -0.14 0.77 0.32
C6 PSO C . 0.76 0.22 -0.61
C7 PSO C . 0.75 -1.12 -0.84
C8 PSO C . -0.06 -1.96 -0.08
C9 PSO C . -1.08 -1.43 0.74
C10 PSO C . -1.06 -0.07 0.97
C4' PSO C . 2.07 0.78 -1.03
C5' PSO C . 2.54 -0.40 -1.86
O6' PSO C . 1.66 -1.51 -1.61
O11 PSO C . -3.69 -2.64 2.32
C12 PSO C . -1.24 1.40 2.91
C13 PSO C . 2.02 2.15 -1.71
O14 PSO C . 0.95 2.33 -2.62
C15 PSO C . 2.66 0.07 -3.31
C16 PSO C . 0.15 -3.46 -0.12
H3 PSO C . -2.94 -0.29 3.51
H5 PSO C . -0.21 1.81 0.59
H121 PSO C . -1.88 1.56 3.77
H122 PSO C . -0.39 0.84 3.25
H123 PSO C . -0.91 2.36 2.52
H131 PSO C . 1.83 2.79 -0.93
H132 PSO C . 2.96 2.48 -2.12
H14 PSO C . 0.13 2.09 -2.17
H151 PSO C . 1.68 0.44 -3.61
H152 PSO C . 3.36 0.89 -3.41
H153 PSO C . 2.98 -0.70 -3.98
H161 PSO C . -0.80 -3.98 -0.23
H162 PSO C . 0.86 -3.74 -0.91
H163 PSO C . 0.59 -3.72 0.83
O1 PSO C . -1.94 -2.26 1.09
C2 PSO C . -2.83 -1.84 1.87
C3 PSO C . -2.90 -0.41 2.40
C4 PSO C . -1.95 0.55 1.74
C5 PSO C . -0.20 0.76 0.13
C6 PSO C . 0.70 0.19 -0.81
C7 PSO C . 0.71 -1.13 -1.01
C8 PSO C . -0.07 -1.96 -0.20
C9 PSO C . -1.11 -1.43 0.59
C10 PSO C . -1.12 -0.06 0.80
C4' PSO C . 2.02 0.74 -1.25
C5' PSO C . 2.49 -0.45 -2.07
O6' PSO C . 1.63 -1.56 -1.77
O11 PSO C . -3.71 -2.63 2.22
C12 PSO C . -1.18 1.41 2.76
C13 PSO C . 1.98 2.11 -1.94
O14 PSO C . 0.88 2.33 -2.80
C15 PSO C . 2.55 0.00 -3.53
C16 PSO C . 0.25 -3.44 -0.17
H3 PSO C . -2.83 -0.34 3.47
H5 PSO C . -0.27 1.80 0.40
H121 PSO C . -1.76 1.54 3.67
H122 PSO C . -0.29 0.86 3.02
H123 PSO C . -0.91 2.38 2.36
H131 PSO C . 1.82 2.76 -1.16
H132 PSO C . 2.93 2.40 -2.38
H14 PSO C . 0.07 2.13 -2.32
H151 PSO C . 1.59 0.44 -3.76
H152 PSO C . 3.31 0.76 -3.66
H153 PSO C . 2.73 -0.80 -4.22
H161 PSO C . 0.33 -3.84 -1.18
H162 PSO C . 1.23 -3.52 0.29
H163 PSO C . -0.44 -4.01 0.45
O1 PSO C . -1.86 -2.19 1.09
C2 PSO C . -2.78 -1.81 1.86
C3 PSO C . -2.91 -0.38 2.37
C4 PSO C . -1.96 0.60 1.76
C5 PSO C . -0.17 0.88 0.21
C6 PSO C . 0.73 0.36 -0.74
C7 PSO C . 0.75 -0.97 -0.99
C8 PSO C . -0.04 -1.84 -0.23
C9 PSO C . -1.05 -1.34 0.61
C10 PSO C . -1.06 0.02 0.87
C4' PSO C . 2.03 0.95 -1.16
C5' PSO C . 2.51 -0.21 -2.02
O6' PSO C . 1.66 -1.33 -1.77
O11 PSO C . -3.60 -2.63 2.22
C12 PSO C . -1.28 1.49 2.80
C13 PSO C . 1.94 2.33 -1.83
O14 PSO C . 0.86 2.51 -2.72
C15 PSO C . 2.58 0.29 -3.46
C16 PSO C . 0.21 -3.33 -0.30
H3 PSO C . -2.91 -0.27 3.44
H5 PSO C . -0.26 1.91 0.49
H121 PSO C . -1.92 1.63 3.67
H122 PSO C . -0.39 0.98 3.13
H123 PSO C . -1.00 2.47 2.41
H131 PSO C . 1.75 2.96 -1.04
H132 PSO C . 2.88 2.69 -2.25
H14 PSO C . 0.05 2.24 -2.28
H151 PSO C . 1.59 0.63 -3.75
H152 PSO C . 3.26 1.13 -3.58
H153 PSO C . 2.91 -0.47 -4.15
H161 PSO C . 0.71 -3.59 0.61
H162 PSO C . -0.73 -3.88 -0.36
H163 PSO C . 0.87 -3.58 -1.13
O1 PSO C . -1.96 -1.97 0.93
C2 PSO C . -2.89 -1.65 1.70
C3 PSO C . -3.10 -0.24 2.24
C4 PSO C . -2.19 0.80 1.69
C5 PSO C . -0.40 1.21 0.17
C6 PSO C . 0.50 0.77 -0.81
C7 PSO C . 0.59 -0.54 -1.11
C8 PSO C . -0.16 -1.49 -0.39
C9 PSO C . -1.19 -1.06 0.48
C10 PSO C . -1.24 0.29 0.79
C4' PSO C . 1.75 1.46 -1.25
C5' PSO C . 2.27 0.37 -2.16
O6' PSO C . 1.49 -0.81 -1.94
O11 PSO C . -3.68 -2.52 2.02
C12 PSO C . -1.56 1.69 2.76
C13 PSO C . 1.56 2.86 -1.84
O14 PSO C . 0.42 3.00 -2.68
C15 PSO C . 2.29 0.95 -3.58
C16 PSO C . 0.12 -2.97 -0.51
H3 PSO C . -3.10 -0.14 3.31
H5 PSO C . -0.53 2.23 0.48
H121 PSO C . -2.24 1.80 3.61
H122 PSO C . -0.67 1.17 3.12
H123 PSO C . -1.28 2.66 2.40
H131 PSO C . 1.37 3.43 -1.01
H132 PSO C . 2.45 3.29 -2.27
H14 PSO C . -0.34 2.64 -2.23
H151 PSO C . 1.28 1.24 -3.84
H152 PSO C . 2.93 1.81 -3.64
H153 PSO C . 2.65 0.24 -4.30
H161 PSO C . -0.80 -3.53 -0.71
H162 PSO C . 0.88 -3.17 -1.25
H163 PSO C . 0.49 -3.31 0.45
O1 PSO C . -1.90 -2.13 1.14
C2 PSO C . -2.81 -1.74 1.91
C3 PSO C . -2.95 -0.30 2.40
C4 PSO C . -2.00 0.67 1.78
C5 PSO C . -0.20 0.94 0.24
C6 PSO C . 0.71 0.41 -0.70
C7 PSO C . 0.73 -0.92 -0.94
C8 PSO C . -0.07 -1.78 -0.18
C9 PSO C . -1.08 -1.27 0.66
C10 PSO C . -1.09 0.09 0.90
C4' PSO C . 2.01 0.99 -1.13
C5' PSO C . 2.49 -0.17 -1.98
O6' PSO C . 1.64 -1.30 -1.72
O11 PSO C . -3.64 -2.56 2.27
C12 PSO C . -1.31 1.58 2.82
C13 PSO C . 1.93 2.37 -1.81
O14 PSO C . 0.85 2.54 -2.70
C15 PSO C . 2.58 0.31 -3.42
C16 PSO C . 0.17 -3.27 -0.24
H3 PSO C . -2.96 -0.17 3.46
H5 PSO C . -0.28 1.97 0.51
H121 PSO C . -1.96 1.72 3.68
H122 PSO C . -0.43 1.07 3.15
H123 PSO C . -1.03 2.54 2.41
H131 PSO C . 1.73 3.00 -1.02
H132 PSO C . 2.87 2.71 -2.22
H14 PSO C . 0.04 2.27 -2.26
H151 PSO C . 1.58 0.65 -3.71
H152 PSO C . 3.25 1.15 -3.53
H153 PSO C . 2.90 -0.45 -4.10
H161 PSO C . 0.69 -3.53 0.68
H162 PSO C . -0.76 -3.83 -0.27
H163 PSO C . 0.83 -3.54 -1.06
O1 PSO C . -1.92 -2.26 1.12
C2 PSO C . -2.81 -1.81 1.88
C3 PSO C . -2.84 -0.38 2.40
C4 PSO C . -1.86 0.54 1.78
C5 PSO C . -0.07 0.72 0.18
C6 PSO C . 0.82 0.13 -0.74
C7 PSO C . 0.79 -1.21 -0.95
C8 PSO C . -0.03 -2.01 -0.15
C9 PSO C . -1.07 -1.45 0.63
C10 PSO C . -1.02 -0.08 0.84
C4' PSO C . 2.17 0.63 -1.14
C5' PSO C . 2.63 -0.58 -1.95
O6' PSO C . 1.71 -1.65 -1.68
O11 PSO C . -3.70 -2.58 2.22
C12 PSO C . -1.07 1.33 2.82
C13 PSO C . 2.19 1.99 -1.85
O14 PSO C . 1.12 2.22 -2.75
C15 PSO C . 2.78 -0.16 -3.40
C16 PSO C . 0.22 -3.49 -0.10
H3 PSO C . -2.81 -0.30 3.46
H5 PSO C . -0.11 1.76 0.45
H121 PSO C . -1.68 1.52 3.70
H122 PSO C . -0.24 0.71 3.12
H123 PSO C . -0.69 2.28 2.45
H131 PSO C . 2.05 2.65 -1.09
H132 PSO C . 3.16 2.25 -2.28
H14 PSO C . 0.30 2.06 -2.29
H151 PSO C . 1.85 0.31 -3.70
H152 PSO C . 3.57 0.57 -3.51
H153 PSO C . 2.94 -0.98 -4.07
H161 PSO C . 0.78 -3.64 0.82
H162 PSO C . -0.70 -4.07 -0.04
H163 PSO C . 0.86 -3.82 -0.92
O1 PSO C . -1.92 -2.28 1.21
C2 PSO C . -2.85 -1.86 1.96
C3 PSO C . -2.95 -0.43 2.46
C4 PSO C . -1.97 0.52 1.86
C5 PSO C . -0.16 0.75 0.33
C6 PSO C . 0.74 0.20 -0.60
C7 PSO C . 0.75 -1.13 -0.84
C8 PSO C . -0.08 -1.97 -0.07
C9 PSO C . -1.09 -1.45 0.74
C10 PSO C . -1.07 -0.08 0.98
C4' PSO C . 2.06 0.77 -1.03
C5' PSO C . 2.52 -0.42 -1.86
O6' PSO C . 1.65 -1.53 -1.61
O11 PSO C . -3.71 -2.66 2.32
C12 PSO C . -1.26 1.39 2.92
C13 PSO C . 2.00 2.14 -1.71
O14 PSO C . 0.94 2.32 -2.61
C15 PSO C . 2.64 0.07 -3.31
C16 PSO C . 0.15 -3.47 -0.12
H3 PSO C . -2.96 -0.31 3.52
H5 PSO C . -0.23 1.79 0.60
H121 PSO C . -1.91 1.55 3.78
H122 PSO C . -0.41 0.82 3.25
H123 PSO C . -0.93 2.34 2.53
H131 PSO C . 1.81 2.77 -0.93
H132 PSO C . 2.95 2.47 -2.12
H14 PSO C . 0.12 2.07 -2.17
H151 PSO C . 1.66 0.42 -3.61
H152 PSO C . 3.34 0.88 -3.41
H153 PSO C . 2.97 -0.71 -3.97
H161 PSO C . 0.85 -3.75 -0.90
H162 PSO C . 0.58 -3.74 0.83
H163 PSO C . -0.80 -4.00 -0.23
O1 PSO C . -1.86 -2.18 1.11
C2 PSO C . -2.77 -1.79 1.87
C3 PSO C . -2.91 -0.37 2.37
C4 PSO C . -1.97 0.62 1.76
C5 PSO C . -0.18 0.89 0.22
C6 PSO C . 0.72 0.37 -0.73
C7 PSO C . 0.75 -0.95 -0.97
C8 PSO C . -0.04 -1.82 -0.22
C9 PSO C . -1.06 -1.32 0.62
C10 PSO C . -1.07 0.04 0.88
C4' PSO C . 2.02 0.96 -1.16
C5' PSO C . 2.51 -0.20 -2.02
O6' PSO C . 1.66 -1.32 -1.76
O11 PSO C . -3.61 -2.62 2.23
C12 PSO C . -1.28 1.51 2.81
C13 PSO C . 1.94 2.35 -1.83
O14 PSO C . 0.85 2.52 -2.71
C15 PSO C . 2.58 0.30 -3.46
C16 PSO C . 0.21 -3.31 -0.29
H3 PSO C . -2.92 -0.24 3.44
H5 PSO C . -0.26 1.93 0.50
H121 PSO C . -1.92 1.66 3.67
H122 PSO C . -0.40 1.01 3.14
H123 PSO C . -1.00 2.49 2.41
H131 PSO C . 1.75 2.97 -1.04
H132 PSO C . 2.88 2.69 -2.25
H14 PSO C . 0.05 2.24 -2.27
H151 PSO C . 1.59 0.63 -3.74
H152 PSO C . 3.25 1.13 -3.57
H153 PSO C . 2.90 -0.46 -4.14
H161 PSO C . 0.86 -3.57 -1.11
H162 PSO C . 0.71 -3.58 0.62
H163 PSO C . -0.73 -3.87 -0.34
O1 PSO C . -1.92 -2.23 1.21
C2 PSO C . -2.84 -1.81 1.97
C3 PSO C . -2.94 -0.38 2.46
C4 PSO C . -1.95 0.56 1.87
C5 PSO C . -0.14 0.79 0.32
C6 PSO C . 0.75 0.24 -0.61
C7 PSO C . 0.75 -1.10 -0.84
C8 PSO C . -0.06 -1.94 -0.08
C9 PSO C . -1.08 -1.41 0.74
C10 PSO C . -1.06 -0.04 0.98
C4' PSO C . 2.07 0.80 -1.03
C5' PSO C . 2.53 -0.39 -1.87
O6' PSO C . 1.65 -1.49 -1.61
O11 PSO C . -3.71 -2.61 2.31
C12 PSO C . -1.23 1.42 2.92
C13 PSO C . 2.02 2.17 -1.72
O14 PSO C . 0.95 2.35 -2.61
C15 PSO C . 2.64 0.10 -3.32
C16 PSO C . 0.14 -3.43 -0.11
H3 PSO C . -2.94 -0.25 3.52
H5 PSO C . -0.21 1.83 0.59
H121 PSO C . -1.88 1.59 3.78
H122 PSO C . -0.38 0.85 3.26
H123 PSO C . -0.88 2.37 2.53
H131 PSO C . 1.83 2.81 -0.94
H132 PSO C . 2.97 2.50 -2.14
H14 PSO C . 0.13 2.11 -2.17
H151 PSO C . 1.68 0.46 -3.62
H152 PSO C . 3.35 0.91 -3.41
H153 PSO C . 2.96 -0.68 -3.99
H161 PSO C . 0.85 -3.71 -0.89
H162 PSO C . 0.58 -3.69 0.84
H163 PSO C . -0.80 -3.96 -0.22
O1 PSO C . -1.87 -2.19 1.08
C2 PSO C . -2.78 -1.80 1.84
C3 PSO C . -2.91 -0.37 2.36
C4 PSO C . -1.97 0.60 1.75
C5 PSO C . -0.17 0.89 0.21
C6 PSO C . 0.72 0.37 -0.75
C7 PSO C . 0.74 -0.95 -1.00
C8 PSO C . -0.04 -1.83 -0.24
C9 PSO C . -1.06 -1.33 0.59
C10 PSO C . -1.06 0.03 0.86
C4' PSO C . 2.02 0.96 -1.18
C5' PSO C . 2.50 -0.20 -2.05
O6' PSO C . 1.64 -1.32 -1.80
O11 PSO C . -3.61 -2.62 2.21
C12 PSO C . -1.28 1.49 2.80
C13 PSO C . 1.93 2.35 -1.84
O14 PSO C . 0.84 2.53 -2.72
C15 PSO C . 2.56 0.32 -3.48
C16 PSO C . 0.20 -3.31 -0.31
H3 PSO C . -2.91 -0.26 3.42
H5 PSO C . -0.26 1.92 0.49
H121 PSO C . -1.92 1.63 3.67
H122 PSO C . -0.39 0.97 3.13
H123 PSO C . -0.98 2.46 2.42
H131 PSO C . 1.74 2.96 -1.05
H132 PSO C . 2.88 2.70 -2.26
H14 PSO C . 0.04 2.25 -2.28
H151 PSO C . 1.57 0.64 -3.76
H152 PSO C . 3.24 1.15 -3.59
H153 PSO C . 2.89 -0.44 -4.18
H161 PSO C . -0.74 -3.87 -0.36
H162 PSO C . 0.85 -3.58 -1.14
H163 PSO C . 0.71 -3.58 0.60
O1 PSO C . -1.90 -2.23 1.21
C2 PSO C . -2.82 -1.80 1.95
C3 PSO C . -2.92 -0.37 2.45
C4 PSO C . -1.94 0.57 1.86
C5 PSO C . -0.12 0.80 0.32
C6 PSO C . 0.77 0.25 -0.60
C7 PSO C . 0.77 -1.08 -0.84
C8 PSO C . -0.04 -1.93 -0.09
C9 PSO C . -1.06 -1.39 0.73
C10 PSO C . -1.04 -0.03 0.98
C4' PSO C . 2.10 0.81 -1.02
C5' PSO C . 2.57 -0.37 -1.85
O6' PSO C . 1.69 -1.47 -1.61
O11 PSO C . -3.69 -2.60 2.30
C12 PSO C . -1.23 1.44 2.91
C13 PSO C . 2.05 2.18 -1.70
O14 PSO C . 0.98 2.38 -2.61
C15 PSO C . 2.69 0.11 -3.30
C16 PSO C . 0.17 -3.42 -0.13
H3 PSO C . -2.93 -0.26 3.51
H5 PSO C . -0.19 1.84 0.59
H121 PSO C . -1.88 1.60 3.76
H122 PSO C . -0.37 0.88 3.25
H123 PSO C . -0.89 2.40 2.52
H131 PSO C . 1.86 2.82 -0.92
H132 PSO C . 3.00 2.51 -2.11
H14 PSO C . 0.17 2.12 -2.17
H151 PSO C . 1.72 0.47 -3.61
H152 PSO C . 3.39 0.93 -3.38
H153 PSO C . 3.02 -0.66 -3.96
H161 PSO C . 0.60 -3.69 0.83
H162 PSO C . -0.78 -3.94 -0.24
H163 PSO C . 0.87 -3.70 -0.91
O1 PSO C . -1.85 -2.19 1.07
C2 PSO C . -2.76 -1.81 1.84
C3 PSO C . -2.89 -0.38 2.35
C4 PSO C . -1.94 0.61 1.75
C5 PSO C . -0.15 0.89 0.20
C6 PSO C . 0.75 0.36 -0.75
C7 PSO C . 0.77 -0.96 -1.00
C8 PSO C . -0.02 -1.83 -0.24
C9 PSO C . -1.04 -1.33 0.59
C10 PSO C . -1.04 0.03 0.86
C4' PSO C . 2.05 0.95 -1.17
C5' PSO C . 2.54 -0.20 -2.03
O6' PSO C . 1.67 -1.33 -1.78
O11 PSO C . -3.59 -2.63 2.20
C12 PSO C . -1.27 1.50 2.79
C13 PSO C . 1.97 2.34 -1.83
O14 PSO C . 0.89 2.52 -2.72
C15 PSO C . 2.61 0.30 -3.47
C16 PSO C . 0.22 -3.32 -0.32
H3 PSO C . -2.90 -0.26 3.42
H5 PSO C . -0.24 1.92 0.48
H121 PSO C . -1.91 1.64 3.66
H122 PSO C . -0.38 0.98 3.12
H123 PSO C . -0.98 2.47 2.40
H131 PSO C . 1.77 2.96 -1.04
H132 PSO C . 2.91 2.69 -2.25
H14 PSO C . 0.08 2.24 -2.28
H151 PSO C . 1.62 0.64 -3.76
H152 PSO C . 3.29 1.14 -3.57
H153 PSO C . 2.95 -0.46 -4.16
H161 PSO C . -0.72 -3.87 -0.38
H162 PSO C . 0.88 -3.58 -1.15
H163 PSO C . 0.73 -3.59 0.60
O1 PSO C . -1.85 -2.18 1.09
C2 PSO C . -2.78 -1.80 1.85
C3 PSO C . -2.91 -0.37 2.36
C4 PSO C . -1.96 0.61 1.76
C5 PSO C . -0.15 0.89 0.22
C6 PSO C . 0.74 0.37 -0.73
C7 PSO C . 0.77 -0.95 -0.98
C8 PSO C . -0.03 -1.83 -0.22
C9 PSO C . -1.05 -1.33 0.61
C10 PSO C . -1.06 0.03 0.87
C4' PSO C . 2.04 0.97 -1.16
C5' PSO C . 2.52 -0.19 -2.01
O6' PSO C . 1.67 -1.32 -1.77
O11 PSO C . -3.60 -2.62 2.21
C12 PSO C . -1.27 1.51 2.80
C13 PSO C . 1.96 2.35 -1.82
O14 PSO C . 0.87 2.52 -2.70
C15 PSO C . 2.61 0.30 -3.45
C16 PSO C . 0.21 -3.32 -0.30
H3 PSO C . -2.92 -0.26 3.43
H5 PSO C . -0.25 1.92 0.50
H121 PSO C . -1.92 1.64 3.67
H122 PSO C . -0.39 0.99 3.13
H123 PSO C . -0.99 2.48 2.41
H131 PSO C . 1.76 2.96 -1.02
H132 PSO C . 2.90 2.69 -2.23
H14 PSO C . 0.07 2.24 -2.26
H151 PSO C . 1.61 0.64 -3.74
H152 PSO C . 3.28 1.15 -3.55
H153 PSO C . 2.94 -0.45 -4.14
H161 PSO C . 0.87 -3.57 -1.13
H162 PSO C . 0.73 -3.59 0.61
H163 PSO C . -0.71 -3.86 -0.35
O1 PSO C . -1.97 -2.01 0.93
C2 PSO C . -2.91 -1.68 1.70
C3 PSO C . -3.11 -0.28 2.25
C4 PSO C . -2.20 0.76 1.69
C5 PSO C . -0.41 1.17 0.17
C6 PSO C . 0.49 0.72 -0.81
C7 PSO C . 0.57 -0.59 -1.11
C8 PSO C . -0.18 -1.53 -0.38
C9 PSO C . -1.20 -1.10 0.48
C10 PSO C . -1.26 0.25 0.79
C4' PSO C . 1.73 1.41 -1.24
C5' PSO C . 2.25 0.32 -2.16
O6' PSO C . 1.47 -0.87 -1.93
O11 PSO C . -3.70 -2.55 2.03
C12 PSO C . -1.57 1.66 2.77
C13 PSO C . 1.54 2.81 -1.85
O14 PSO C . 0.42 2.95 -2.68
C15 PSO C . 2.27 0.89 -3.58
C16 PSO C . 0.10 -3.02 -0.50
H3 PSO C . -3.11 -0.17 3.31
H5 PSO C . -0.54 2.19 0.48
H121 PSO C . -2.25 1.77 3.61
H122 PSO C . -0.69 1.14 3.11
H123 PSO C . -1.29 2.64 2.40
H131 PSO C . 1.36 3.38 -1.02
H132 PSO C . 2.43 3.24 -2.29
H14 PSO C . -0.36 2.59 -2.22
H151 PSO C . 1.26 1.18 -3.84
H152 PSO C . 2.90 1.77 -3.65
H153 PSO C . 2.63 0.18 -4.30
H161 PSO C . 0.47 -3.34 0.46
H162 PSO C . -0.81 -3.57 -0.70
H163 PSO C . 0.86 -3.22 -1.24
O1 PSO C . -1.85 -2.15 1.08
C2 PSO C . -2.76 -1.76 1.85
C3 PSO C . -2.89 -0.34 2.35
C4 PSO C . -1.95 0.64 1.74
C5 PSO C . -0.15 0.92 0.20
C6 PSO C . 0.74 0.39 -0.75
C7 PSO C . 0.76 -0.93 -1.00
C8 PSO C . -0.02 -1.80 -0.24
C9 PSO C . -1.04 -1.30 0.59
C10 PSO C . -1.05 0.06 0.86
C4' PSO C . 2.04 0.99 -1.18
C5' PSO C . 2.53 -0.17 -2.04
O6' PSO C . 1.68 -1.30 -1.78
O11 PSO C . -3.59 -2.59 2.21
C12 PSO C . -1.27 1.54 2.78
C13 PSO C . 1.96 2.37 -1.85
O14 PSO C . 0.87 2.54 -2.74
C15 PSO C . 2.60 0.32 -3.48
C16 PSO C . 0.23 -3.29 -0.31
H3 PSO C . -2.90 -0.22 3.41
H5 PSO C . -0.25 1.95 0.47
H121 PSO C . -1.91 1.68 3.64
H122 PSO C . -0.38 1.03 3.11
H123 PSO C . -0.99 2.52 2.38
H131 PSO C . 1.76 2.99 -1.06
H132 PSO C . 2.89 2.72 -2.27
H14 PSO C . 0.07 2.26 -2.29
H151 PSO C . 1.61 0.65 -3.76
H152 PSO C . 3.27 1.16 -3.58
H153 PSO C . 2.93 -0.43 -4.17
H161 PSO C . 0.73 -3.56 0.60
H162 PSO C . -0.71 -3.84 -0.36
H163 PSO C . 0.89 -3.55 -1.14
O1 PSO C . -1.88 -2.17 1.12
C2 PSO C . -2.80 -1.78 1.89
C3 PSO C . -2.94 -0.35 2.38
C4 PSO C . -1.99 0.62 1.77
C5 PSO C . -0.18 0.89 0.23
C6 PSO C . 0.71 0.37 -0.72
C7 PSO C . 0.73 -0.95 -0.96
C8 PSO C . -0.06 -1.83 -0.21
C9 PSO C . -1.08 -1.32 0.63
C10 PSO C . -1.08 0.04 0.89
C4' PSO C . 2.02 0.96 -1.15
C5' PSO C . 2.50 -0.21 -1.99
O6' PSO C . 1.64 -1.33 -1.74
O11 PSO C . -3.62 -2.62 2.25
C12 PSO C . -1.31 1.54 2.81
C13 PSO C . 1.93 2.34 -1.81
O14 PSO C . 0.86 2.52 -2.71
C15 PSO C . 2.58 0.29 -3.44
C16 PSO C . 0.19 -3.32 -0.27
H3 PSO C . -2.95 -0.23 3.44
H5 PSO C . -0.28 1.93 0.50
H121 PSO C . -1.95 1.66 3.67
H122 PSO C . -0.42 1.02 3.13
H123 PSO C . -1.03 2.50 2.40
H131 PSO C . 1.73 2.96 -1.03
H132 PSO C . 2.88 2.69 -2.22
H14 PSO C . 0.04 2.24 -2.26
H151 PSO C . 1.59 0.62 -3.72
H152 PSO C . 3.26 1.12 -3.54
H153 PSO C . 2.91 -0.46 -4.11
H161 PSO C . 0.70 -3.58 0.64
H162 PSO C . -0.75 -3.86 -0.32
H163 PSO C . 0.84 -3.57 -1.10
O1 PSO C . -2.25 -2.07 1.33
C2 PSO C . -3.16 -1.66 2.11
C3 PSO C . -3.25 -0.24 2.64
C4 PSO C . -2.29 0.73 2.05
C5 PSO C . -0.43 0.96 0.55
C6 PSO C . 0.52 0.41 -0.35
C7 PSO C . 0.52 -0.92 -0.60
C8 PSO C . -0.33 -1.76 0.13
C9 PSO C . -1.40 -1.22 0.89
C10 PSO C . -1.39 0.14 1.14
C4' PSO C . 1.87 0.95 -0.69
C5' PSO C . 2.37 -0.22 -1.52
O6' PSO C . 1.48 -1.32 -1.31
O11 PSO C . -4.03 -2.47 2.43
C12 PSO C . -1.60 1.66 3.06
C13 PSO C . 1.84 2.35 -1.35
O14 PSO C . 0.80 2.58 -2.27
C15 PSO C . 2.52 0.28 -2.95
C16 PSO C . -0.06 -3.23 0.10
H3 PSO C . -3.24 -0.16 3.71
H5 PSO C . -0.51 2.00 0.83
H121 PSO C . -2.22 1.78 3.94
H122 PSO C . -0.67 1.19 3.36
H123 PSO C . -1.37 2.64 2.64
H131 PSO C . 1.65 2.97 -0.56
H132 PSO C . 2.81 2.67 -1.75
H14 PSO C . -0.03 2.34 -1.84
H151 PSO C . 1.59 0.71 -3.24
H152 PSO C . 3.29 1.04 -3.01
H153 PSO C . 2.74 -0.51 -3.63
H161 PSO C . 0.94 -3.34 0.50
H162 PSO C . -0.74 -3.80 0.73
H163 PSO C . -0.05 -3.59 -0.93
O1 PSO C . -2.14 -1.94 1.43
C2 PSO C . -3.04 -1.52 2.22
C3 PSO C . -3.15 -0.09 2.69
C4 PSO C . -2.20 0.88 2.05
C5 PSO C . -0.35 1.08 0.55
C6 PSO C . 0.59 0.50 -0.34
C7 PSO C . 0.58 -0.82 -0.58
C8 PSO C . -0.28 -1.65 0.16
C9 PSO C . -1.32 -1.10 0.94
C10 PSO C . -1.31 0.27 1.17
C4' PSO C . 1.94 1.03 -0.70
C5' PSO C . 2.45 -0.17 -1.50
O6' PSO C . 1.52 -1.25 -1.29
O11 PSO C . -3.86 -2.33 2.62
C12 PSO C . -1.54 1.85 3.05
C13 PSO C . 1.96 2.40 -1.41
O14 PSO C . 0.92 2.61 -2.33
C15 PSO C . 2.63 0.28 -2.94
C16 PSO C . -0.10 -3.12 0.14
H3 PSO C . -3.16 0.05 3.75
H5 PSO C . -0.42 2.12 0.81
H121 PSO C . -2.18 2.00 3.91
H122 PSO C . -0.62 1.38 3.39
H123 PSO C . -1.30 2.82 2.60
H131 PSO C . 1.77 3.05 -0.64
H132 PSO C . 2.93 2.68 -1.81
H14 PSO C . 0.08 2.39 -1.91
H151 PSO C . 1.71 0.73 -3.27
H152 PSO C . 3.42 1.01 -3.01
H153 PSO C . 2.84 -0.55 -3.58
H161 PSO C . -0.98 -3.61 -0.27
H162 PSO C . 0.80 -3.40 -0.42
H163 PSO C . 0.05 -3.43 1.16
O1 PSO C . -2.22 -2.00 1.35
C2 PSO C . -3.12 -1.60 2.11
C3 PSO C . -3.22 -0.18 2.64
C4 PSO C . -2.26 0.80 2.03
C5 PSO C . -0.40 1.02 0.54
C6 PSO C . 0.55 0.45 -0.35
C7 PSO C . 0.54 -0.87 -0.59
C8 PSO C . -0.30 -1.70 0.14
C9 PSO C . -1.38 -1.17 0.89
C10 PSO C . -1.37 0.20 1.14
C4' PSO C . 1.90 0.99 -0.71
C5' PSO C . 2.39 -0.18 -1.53
O6' PSO C . 1.50 -1.28 -1.31
O11 PSO C . -3.97 -2.41 2.47
C12 PSO C . -1.59 1.75 3.04
C13 PSO C . 1.89 2.38 -1.38
O14 PSO C . 0.84 2.62 -2.29
C15 PSO C . 2.55 0.30 -2.96
C16 PSO C . -0.05 -3.18 0.11
H3 PSO C . -3.21 -0.09 3.71
H5 PSO C . -0.49 2.05 0.82
H121 PSO C . -2.23 1.88 3.91
H122 PSO C . -0.66 1.30 3.37
H123 PSO C . -1.38 2.72 2.61
H131 PSO C . 1.70 3.02 -0.59
H132 PSO C . 2.85 2.69 -1.77
H14 PSO C . 0.01 2.38 -1.86
H151 PSO C . 1.62 0.74 -3.26
H152 PSO C . 3.34 1.06 -3.02
H153 PSO C . 2.77 -0.50 -3.63
H161 PSO C . -0.76 -3.75 0.69
H162 PSO C . 0.01 -3.53 -0.91
H163 PSO C . 0.92 -3.31 0.57
O1 PSO C . -2.18 -1.96 1.40
C2 PSO C . -3.07 -1.55 2.18
C3 PSO C . -3.18 -0.12 2.67
C4 PSO C . -2.22 0.86 2.05
C5 PSO C . -0.36 1.06 0.54
C6 PSO C . 0.58 0.49 -0.34
C7 PSO C . 0.57 -0.85 -0.59
C8 PSO C . -0.30 -1.66 0.14
C9 PSO C . -1.35 -1.12 0.91
C10 PSO C . -1.33 0.25 1.16
C4' PSO C . 1.94 1.01 -0.68
C5' PSO C . 2.44 -0.18 -1.48
O6' PSO C . 1.52 -1.27 -1.30
O11 PSO C . -3.91 -2.36 2.56
C12 PSO C . -1.55 1.80 3.04
C13 PSO C . 1.96 2.38 -1.37
O14 PSO C . 0.92 2.61 -2.31
C15 PSO C . 2.64 0.28 -2.92
C16 PSO C . -0.11 -3.15 0.12
H3 PSO C . -3.17 0.00 3.73
H5 PSO C . -0.44 2.09 0.81
H121 PSO C . -2.19 1.94 3.92
H122 PSO C . -0.62 1.33 3.38
H123 PSO C . -1.31 2.77 2.62
H131 PSO C . 1.77 3.02 -0.60
H132 PSO C . 2.94 2.67 -1.76
H14 PSO C . 0.08 2.39 -1.89
H151 PSO C . 1.72 0.72 -3.25
H152 PSO C . 3.44 1.02 -2.98
H153 PSO C . 2.85 -0.55 -3.57
H161 PSO C . -0.99 -3.63 -0.31
H162 PSO C . 0.79 -3.41 -0.43
H163 PSO C . 0.01 -3.46 1.15
O1 PSO C . -2.21 -2.02 1.34
C2 PSO C . -3.12 -1.63 2.12
C3 PSO C . -3.21 -0.20 2.64
C4 PSO C . -2.26 0.79 2.04
C5 PSO C . -0.39 1.00 0.54
C6 PSO C . 0.55 0.44 -0.35
C7 PSO C . 0.54 -0.88 -0.60
C8 PSO C . -0.30 -1.71 0.12
C9 PSO C . -1.37 -1.18 0.89
C10 PSO C . -1.37 0.19 1.14
C4' PSO C . 1.90 0.98 -0.70
C5' PSO C . 2.40 -0.20 -1.52
O6' PSO C . 1.50 -1.29 -1.31
O11 PSO C . -3.96 -2.43 2.47
C12 PSO C . -1.59 1.73 3.04
C13 PSO C . 1.90 2.37 -1.36
O14 PSO C . 0.85 2.60 -2.28
C15 PSO C . 2.57 0.30 -2.96
C16 PSO C . -0.06 -3.19 0.09
H3 PSO C . -3.20 -0.11 3.70
H5 PSO C . -0.48 2.03 0.82
H121 PSO C . -2.22 1.85 3.91
H122 PSO C . -0.66 1.28 3.36
H123 PSO C . -1.37 2.71 2.62
H131 PSO C . 1.71 3.00 -0.57
H132 PSO C . 2.86 2.68 -1.76
H14 PSO C . 0.02 2.37 -1.86
H151 PSO C . 1.63 0.74 -3.25
H152 PSO C . 3.35 1.04 -3.01
H153 PSO C . 2.78 -0.51 -3.63
H161 PSO C . -0.80 -3.77 0.63
H162 PSO C . 0.05 -3.52 -0.94
H163 PSO C . 0.90 -3.33 0.58
O1 PSO C . -2.26 -2.14 1.32
C2 PSO C . -3.16 -1.75 2.09
C3 PSO C . -3.25 -0.33 2.64
C4 PSO C . -2.29 0.65 2.05
C5 PSO C . -0.43 0.88 0.55
C6 PSO C . 0.51 0.34 -0.35
C7 PSO C . 0.51 -0.99 -0.61
C8 PSO C . -0.34 -1.83 0.11
C9 PSO C . -1.41 -1.31 0.86
C10 PSO C . -1.40 0.06 1.14
C4' PSO C . 1.85 0.88 -0.70
C5' PSO C . 2.37 -0.28 -1.54
O6' PSO C . 1.47 -1.39 -1.33
O11 PSO C . -4.02 -2.55 2.42
C12 PSO C . -1.59 1.56 3.07
C13 PSO C . 1.84 2.28 -1.35
O14 PSO C . 0.79 2.53 -2.26
C15 PSO C . 2.51 0.23 -2.97
C16 PSO C . -0.07 -3.30 0.06
H3 PSO C . -3.24 -0.26 3.71
H5 PSO C . -0.51 1.92 0.83
H121 PSO C . -2.21 1.69 3.95
H122 PSO C . -0.66 1.09 3.37
H123 PSO C . -1.36 2.55 2.67
H131 PSO C . 1.64 2.90 -0.56
H132 PSO C . 2.80 2.61 -1.74
H14 PSO C . -0.04 2.29 -1.83
H151 PSO C . 1.57 0.67 -3.25
H152 PSO C . 3.28 0.99 -3.01
H153 PSO C . 2.72 -0.56 -3.65
H161 PSO C . 0.93 -3.43 0.47
H162 PSO C . -0.75 -3.87 0.69
H163 PSO C . -0.08 -3.65 -0.96
O1 PSO C . -2.11 -1.96 1.35
C2 PSO C . -3.00 -1.57 2.14
C3 PSO C . -3.12 -0.13 2.64
C4 PSO C . -2.19 0.86 2.01
C5 PSO C . -0.35 1.08 0.49
C6 PSO C . 0.59 0.53 -0.41
C7 PSO C . 0.58 -0.80 -0.66
C8 PSO C . -0.26 -1.63 0.07
C9 PSO C . -1.30 -1.11 0.86
C10 PSO C . -1.30 0.26 1.12
C4' PSO C . 1.94 1.07 -0.78
C5' PSO C . 2.44 -0.11 -1.59
O6' PSO C . 1.52 -1.20 -1.40
O11 PSO C . -3.82 -2.39 2.54
C12 PSO C . -1.53 1.84 2.99
C13 PSO C . 1.93 2.44 -1.46
O14 PSO C . 0.87 2.65 -2.38
C15 PSO C . 2.62 0.34 -3.03
C16 PSO C . -0.06 -3.12 0.03
H3 PSO C . -3.12 -0.02 3.70
H5 PSO C . -0.44 2.12 0.77
H121 PSO C . -2.18 1.97 3.87
H122 PSO C . -0.61 1.40 3.33
H123 PSO C . -1.34 2.81 2.55
H131 PSO C . 1.75 3.08 -0.69
H132 PSO C . 2.90 2.74 -1.87
H14 PSO C . 0.05 2.42 -1.95
H151 PSO C . 1.69 0.79 -3.34
H152 PSO C . 3.40 1.09 -3.09
H153 PSO C . 2.83 -0.47 -3.69
H161 PSO C . -0.01 -3.46 1.05
H162 PSO C . -0.90 -3.59 -0.48
H163 PSO C . 0.89 -3.36 -0.45
O1 PSO C . -2.19 -1.97 1.41
C2 PSO C . -3.09 -1.56 2.18
C3 PSO C . -3.20 -0.13 2.67
C4 PSO C . -2.24 0.84 2.05
C5 PSO C . -0.38 1.05 0.55
C6 PSO C . 0.56 0.48 -0.34
C7 PSO C . 0.55 -0.84 -0.58
C8 PSO C . -0.31 -1.67 0.15
C9 PSO C . -1.36 -1.13 0.92
C10 PSO C . -1.34 0.24 1.16
C4' PSO C . 1.91 1.01 -0.68
C5' PSO C . 2.43 -0.18 -1.48
O6' PSO C . 1.51 -1.26 -1.29
O11 PSO C . -3.92 -2.37 2.56
C12 PSO C . -1.57 1.80 3.05
C13 PSO C . 1.93 2.38 -1.37
O14 PSO C . 0.91 2.60 -2.30
C15 PSO C . 2.63 0.27 -2.91
C16 PSO C . -0.12 -3.16 0.12
H3 PSO C . -3.20 0.00 3.73
H5 PSO C . -0.46 2.09 0.82
H121 PSO C . -2.22 1.94 3.91
H122 PSO C . -0.64 1.33 3.38
H123 PSO C . -1.34 2.76 2.62
H131 PSO C . 1.74 3.03 -0.60
H132 PSO C . 2.91 2.67 -1.76
H14 PSO C . 0.06 2.39 -1.90
H151 PSO C . 1.70 0.72 -3.24
H152 PSO C . 3.41 1.01 -2.97
H153 PSO C . 2.84 -0.55 -3.56
H161 PSO C . 0.00 -3.47 1.15
H162 PSO C . -1.00 -3.63 -0.31
H163 PSO C . 0.78 -3.42 -0.42
O1 PSO C . -2.16 -1.99 1.34
C2 PSO C . -3.06 -1.59 2.12
C3 PSO C . -3.17 -0.17 2.64
C4 PSO C . -2.23 0.82 2.02
C5 PSO C . -0.37 1.05 0.52
C6 PSO C . 0.56 0.50 -0.38
C7 PSO C . 0.56 -0.83 -0.63
C8 PSO C . -0.29 -1.67 0.08
C9 PSO C . -1.34 -1.14 0.87
C10 PSO C . -1.33 0.23 1.13
C4' PSO C . 1.91 1.03 -0.72
C5' PSO C . 2.42 -0.15 -1.54
O6' PSO C . 1.51 -1.24 -1.36
O11 PSO C . -3.89 -2.41 2.50
C12 PSO C . -1.56 1.77 3.02
C13 PSO C . 1.93 2.41 -1.40
O14 PSO C . 0.88 2.64 -2.31
C15 PSO C . 2.62 0.33 -2.97
C16 PSO C . -0.09 -3.15 0.03
H3 PSO C . -3.17 -0.07 3.70
H5 PSO C . -0.46 2.09 0.80
H121 PSO C . -2.20 1.90 3.91
H122 PSO C . -0.63 1.33 3.35
H123 PSO C . -1.35 2.76 2.60
H131 PSO C . 1.74 3.04 -0.61
H132 PSO C . 2.89 2.72 -1.78
H14 PSO C . 0.04 2.41 -1.90
H151 PSO C . 1.68 0.78 -3.29
H152 PSO C . 3.40 1.08 -3.02
H153 PSO C . 2.83 -0.48 -3.64
H161 PSO C . -0.10 -3.51 1.06
H162 PSO C . -0.90 -3.61 -0.53
H163 PSO C . 0.88 -3.39 -0.39
O1 PSO C . -2.11 -1.98 1.35
C2 PSO C . -3.00 -1.59 2.14
C3 PSO C . -3.12 -0.15 2.64
C4 PSO C . -2.19 0.83 2.01
C5 PSO C . -0.33 1.06 0.49
C6 PSO C . 0.59 0.50 -0.41
C7 PSO C . 0.58 -0.82 -0.67
C8 PSO C . -0.26 -1.66 0.07
C9 PSO C . -1.30 -1.13 0.86
C10 PSO C . -1.29 0.23 1.12
C4' PSO C . 1.94 1.04 -0.78
C5' PSO C . 2.44 -0.15 -1.60
O6' PSO C . 1.52 -1.23 -1.40
O11 PSO C . -3.82 -2.41 2.54
C12 PSO C . -1.51 1.80 3.00
C13 PSO C . 1.94 2.41 -1.47
O14 PSO C . 0.88 2.63 -2.38
C15 PSO C . 2.62 0.32 -3.03
C16 PSO C . -0.06 -3.14 0.02
H3 PSO C . -3.11 -0.05 3.70
H5 PSO C . -0.42 2.09 0.77
H121 PSO C . -2.16 1.94 3.87
H122 PSO C . -0.59 1.36 3.34
H123 PSO C . -1.31 2.78 2.57
H131 PSO C . 1.76 3.05 -0.69
H132 PSO C . 2.90 2.71 -1.87
H14 PSO C . 0.05 2.40 -1.96
H151 PSO C . 1.68 0.76 -3.36
H152 PSO C . 3.41 1.06 -3.10
H153 PSO C . 2.83 -0.50 -3.69
H161 PSO C . 0.88 -3.39 -0.45
H162 PSO C . -0.01 -3.49 1.05
H163 PSO C . -0.90 -3.61 -0.48
O1 PSO C . -2.12 -1.95 1.35
C2 PSO C . -3.00 -1.56 2.15
C3 PSO C . -3.12 -0.13 2.64
C4 PSO C . -2.19 0.86 2.01
C5 PSO C . -0.34 1.08 0.50
C6 PSO C . 0.59 0.53 -0.41
C7 PSO C . 0.59 -0.79 -0.66
C8 PSO C . -0.26 -1.63 0.07
C9 PSO C . -1.30 -1.10 0.86
C10 PSO C . -1.30 0.27 1.12
C4' PSO C . 1.94 1.07 -0.78
C5' PSO C . 2.44 -0.11 -1.59
O6' PSO C . 1.52 -1.20 -1.40
O11 PSO C . -3.82 -2.38 2.54
C12 PSO C . -1.53 1.84 2.99
C13 PSO C . 1.93 2.44 -1.46
O14 PSO C . 0.88 2.66 -2.38
C15 PSO C . 2.62 0.35 -3.03
C16 PSO C . -0.06 -3.12 0.03
H3 PSO C . -3.12 -0.02 3.70
H5 PSO C . -0.44 2.12 0.77
H121 PSO C . -2.17 1.97 3.87
H122 PSO C . -0.60 1.41 3.33
H123 PSO C . -1.33 2.81 2.56
H131 PSO C . 1.76 3.09 -0.68
H132 PSO C . 2.90 2.74 -1.87
H14 PSO C . 0.05 2.43 -1.95
H151 PSO C . 1.69 0.79 -3.34
H152 PSO C . 3.41 1.09 -3.09
H153 PSO C . 2.83 -0.47 -3.69
H161 PSO C . -0.01 -3.46 1.05
H162 PSO C . -0.90 -3.58 -0.48
H163 PSO C . 0.89 -3.36 -0.45
O1 PSO C . -2.17 -2.00 1.33
C2 PSO C . -3.06 -1.60 2.11
C3 PSO C . -3.16 -0.18 2.62
C4 PSO C . -2.22 0.80 2.01
C5 PSO C . -0.37 1.04 0.50
C6 PSO C . 0.56 0.49 -0.40
C7 PSO C . 0.56 -0.84 -0.66
C8 PSO C . -0.30 -1.68 0.06
C9 PSO C . -1.34 -1.15 0.85
C10 PSO C . -1.34 0.22 1.11
C4' PSO C . 1.91 1.03 -0.76
C5' PSO C . 2.42 -0.15 -1.57
O6' PSO C . 1.50 -1.25 -1.39
O11 PSO C . -3.89 -2.43 2.49
C12 PSO C . -1.56 1.76 3.01
C13 PSO C . 1.91 2.40 -1.43
O14 PSO C . 0.87 2.63 -2.34
C15 PSO C . 2.60 0.33 -3.01
C16 PSO C . -0.09 -3.17 0.01
H3 PSO C . -3.16 -0.08 3.69
H5 PSO C . -0.46 2.07 0.78
H121 PSO C . -2.19 1.89 3.89
H122 PSO C . -0.62 1.32 3.33
H123 PSO C . -1.35 2.73 2.58
H131 PSO C . 1.72 3.04 -0.65
H132 PSO C . 2.88 2.72 -1.82
H14 PSO C . 0.04 2.40 -1.92
H151 PSO C . 1.67 0.78 -3.32
H152 PSO C . 3.39 1.07 -3.05
H153 PSO C . 2.82 -0.49 -3.67
H161 PSO C . 0.89 -3.39 -0.41
H162 PSO C . -0.10 -3.51 1.04
H163 PSO C . -0.89 -3.63 -0.55
O1 PSO C . -2.17 -2.03 1.31
C2 PSO C . -3.06 -1.63 2.11
C3 PSO C . -3.18 -0.21 2.62
C4 PSO C . -2.24 0.78 2.00
C5 PSO C . -0.38 1.02 0.49
C6 PSO C . 0.55 0.47 -0.40
C7 PSO C . 0.55 -0.85 -0.66
C8 PSO C . -0.31 -1.69 0.06
C9 PSO C . -1.35 -1.17 0.84
C10 PSO C . -1.35 0.20 1.10
C4' PSO C . 1.90 1.01 -0.75
C5' PSO C . 2.41 -0.17 -1.58
O6' PSO C . 1.49 -1.25 -1.40
O11 PSO C . -3.89 -2.46 2.48
C12 PSO C . -1.57 1.74 3.00
C13 PSO C . 1.90 2.40 -1.42
O14 PSO C . 0.86 2.63 -2.34
C15 PSO C . 2.60 0.32 -3.01
C16 PSO C . -0.10 -3.18 0.01
H3 PSO C . -3.17 -0.11 3.68
H5 PSO C . -0.48 2.05 0.78
H121 PSO C . -2.21 1.86 3.88
H122 PSO C . -0.64 1.29 3.32
H123 PSO C . -1.36 2.72 2.58
H131 PSO C . 1.71 3.03 -0.64
H132 PSO C . 2.87 2.70 -1.82
H14 PSO C . 0.02 2.39 -1.92
H151 PSO C . 1.67 0.77 -3.32
H152 PSO C . 3.38 1.06 -3.05
H153 PSO C . 2.81 -0.50 -3.67
H161 PSO C . 0.89 -3.41 -0.42
H162 PSO C . -0.11 -3.53 1.03
H163 PSO C . -0.90 -3.65 -0.56
O1 PSO C . -2.21 -1.96 1.36
C2 PSO C . -3.12 -1.56 2.13
C3 PSO C . -3.22 -0.13 2.65
C4 PSO C . -2.27 0.84 2.03
C5 PSO C . -0.40 1.05 0.54
C6 PSO C . 0.55 0.49 -0.34
C7 PSO C . 0.55 -0.83 -0.58
C8 PSO C . -0.30 -1.67 0.15
C9 PSO C . -1.37 -1.13 0.90
C10 PSO C . -1.37 0.24 1.15
C4' PSO C . 1.90 1.03 -0.69
C5' PSO C . 2.41 -0.15 -1.50
O6' PSO C . 1.51 -1.25 -1.29
O11 PSO C . -3.98 -2.37 2.48
C12 PSO C . -1.60 1.81 3.03
C13 PSO C . 1.90 2.41 -1.37
O14 PSO C . 0.85 2.64 -2.28
C15 PSO C . 2.56 0.32 -2.94
C16 PSO C . -0.05 -3.14 0.12
H3 PSO C . -3.21 -0.03 3.71
H5 PSO C . -0.48 2.10 0.82
H121 PSO C . -2.24 1.93 3.90
H122 PSO C . -0.67 1.35 3.37
H123 PSO C . -1.39 2.78 2.61
H131 PSO C . 1.71 3.04 -0.59
H132 PSO C . 2.86 2.72 -1.76
H14 PSO C . 0.02 2.40 -1.86
H151 PSO C . 1.62 0.76 -3.24
H152 PSO C . 3.34 1.08 -3.01
H153 PSO C . 2.78 -0.48 -3.61
H161 PSO C . 0.92 -3.27 0.61
H162 PSO C . -0.77 -3.71 0.69
H163 PSO C . 0.04 -3.49 -0.89
O1 PSO C . -2.27 -2.12 1.34
C2 PSO C . -3.18 -1.73 2.12
C3 PSO C . -3.27 -0.32 2.66
C4 PSO C . -2.31 0.67 2.05
C5 PSO C . -0.45 0.90 0.56
C6 PSO C . 0.49 0.35 -0.34
C7 PSO C . 0.50 -0.97 -0.59
C8 PSO C . -0.35 -1.81 0.14
C9 PSO C . -1.43 -1.29 0.90
C10 PSO C . -1.42 0.08 1.15
C4' PSO C . 1.83 0.90 -0.68
C5' PSO C . 2.35 -0.27 -1.51
O6' PSO C . 1.45 -1.37 -1.31
O11 PSO C . -4.04 -2.53 2.45
C12 PSO C . -1.62 1.59 3.07
C13 PSO C . 1.82 2.29 -1.33
O14 PSO C . 0.77 2.53 -2.25
C15 PSO C . 2.49 0.24 -2.94
C16 PSO C . -0.08 -3.29 0.10
H3 PSO C . -3.26 -0.23 3.72
H5 PSO C . -0.54 1.94 0.84
H121 PSO C . -2.25 1.72 3.96
H122 PSO C . -0.70 1.12 3.39
H123 PSO C . -1.40 2.58 2.67
H131 PSO C . 1.62 2.92 -0.54
H132 PSO C . 2.78 2.62 -1.73
H14 PSO C . -0.07 2.30 -1.82
H151 PSO C . 1.55 0.67 -3.22
H152 PSO C . 3.27 0.99 -2.99
H153 PSO C . 2.72 -0.56 -3.62
H161 PSO C . 0.92 -3.41 0.51
H162 PSO C . -0.76 -3.85 0.72
H163 PSO C . -0.09 -3.64 -0.93
O1 PSO C . -2.25 -2.09 1.33
C2 PSO C . -3.16 -1.68 2.10
C3 PSO C . -3.24 -0.26 2.65
C4 PSO C . -2.28 0.71 2.05
C5 PSO C . -0.43 0.94 0.54
C6 PSO C . 0.52 0.39 -0.35
C7 PSO C . 0.52 -0.94 -0.60
C8 PSO C . -0.32 -1.78 0.13
C9 PSO C . -1.40 -1.24 0.88
C10 PSO C . -1.39 0.12 1.14
C4' PSO C . 1.87 0.93 -0.70
C5' PSO C . 2.38 -0.24 -1.52
O6' PSO C . 1.48 -1.35 -1.32
O11 PSO C . -4.02 -2.48 2.43
C12 PSO C . -1.58 1.63 3.06
C13 PSO C . 1.86 2.32 -1.36
O14 PSO C . 0.81 2.55 -2.27
C15 PSO C . 2.53 0.26 -2.96
C16 PSO C . -0.06 -3.25 0.09
H3 PSO C . -3.23 -0.19 3.71
H5 PSO C . -0.50 1.97 0.82
H121 PSO C . -2.21 1.76 3.94
H122 PSO C . -0.66 1.16 3.38
H123 PSO C . -1.35 2.61 2.65
H131 PSO C . 1.66 2.95 -0.56
H132 PSO C . 2.82 2.64 -1.75
H14 PSO C . -0.03 2.32 -1.85
H151 PSO C . 1.59 0.69 -3.24
H152 PSO C . 3.29 1.02 -3.01
H153 PSO C . 2.74 -0.54 -3.64
H161 PSO C . -0.05 -3.61 -0.93
H162 PSO C . 0.94 -3.38 0.50
H163 PSO C . -0.74 -3.82 0.72
O1 PSO C . -2.25 -2.08 1.32
C2 PSO C . -3.16 -1.68 2.09
C3 PSO C . -3.24 -0.26 2.63
C4 PSO C . -2.28 0.72 2.03
C5 PSO C . -0.42 0.95 0.54
C6 PSO C . 0.52 0.40 -0.36
C7 PSO C . 0.52 -0.93 -0.61
C8 PSO C . -0.33 -1.77 0.12
C9 PSO C . -1.39 -1.24 0.87
C10 PSO C . -1.39 0.13 1.13
C4' PSO C . 1.87 0.94 -0.71
C5' PSO C . 2.38 -0.23 -1.54
O6' PSO C . 1.49 -1.33 -1.33
O11 PSO C . -4.02 -2.48 2.42
C12 PSO C . -1.59 1.64 3.04
C13 PSO C . 1.85 2.33 -1.36
O14 PSO C . 0.81 2.57 -2.27
C15 PSO C . 2.53 0.28 -2.96
C16 PSO C . -0.06 -3.25 0.08
H3 PSO C . -3.23 -0.18 3.70
H5 PSO C . -0.50 1.98 0.81
H121 PSO C . -2.21 1.76 3.93
H122 PSO C . -0.66 1.17 3.36
H123 PSO C . -1.36 2.63 2.65
H131 PSO C . 1.65 2.96 -0.57
H132 PSO C . 2.81 2.66 -1.75
H14 PSO C . -0.03 2.33 -1.86
H151 PSO C . 1.59 0.71 -3.25
H152 PSO C . 3.30 1.04 -3.01
H153 PSO C . 2.74 -0.52 -3.65
H161 PSO C . -0.05 -3.60 -0.95
H162 PSO C . 0.94 -3.37 0.48
H163 PSO C . -0.74 -3.81 0.70
O1 PSO C . -2.25 -2.15 1.31
C2 PSO C . -3.16 -1.75 2.09
C3 PSO C . -3.25 -0.34 2.64
C4 PSO C . -2.28 0.64 2.04
C5 PSO C . -0.44 0.87 0.54
C6 PSO C . 0.50 0.33 -0.36
C7 PSO C . 0.50 -1.00 -0.62
C8 PSO C . -0.35 -1.84 0.11
C9 PSO C . -1.41 -1.32 0.87
C10 PSO C . -1.40 0.05 1.14
C4' PSO C . 1.85 0.87 -0.72
C5' PSO C . 2.36 -0.29 -1.54
O6' PSO C . 1.46 -1.40 -1.34
O11 PSO C . -4.02 -2.56 2.42
C12 PSO C . -1.59 1.56 3.06
C13 PSO C . 1.83 2.28 -1.36
O14 PSO C . 0.78 2.52 -2.27
C15 PSO C . 2.50 0.22 -2.97
C16 PSO C . -0.08 -3.31 0.06
H3 PSO C . -3.24 -0.27 3.70
H5 PSO C . -0.52 1.91 0.83
H121 PSO C . -2.22 1.68 3.94
H122 PSO C . -0.67 1.08 3.37
H123 PSO C . -1.36 2.54 2.66
H131 PSO C . 1.63 2.89 -0.56
H132 PSO C . 2.80 2.60 -1.75
H14 PSO C . -0.05 2.28 -1.84
H151 PSO C . 1.57 0.67 -3.26
H152 PSO C . 3.28 0.98 -3.03
H153 PSO C . 2.71 -0.57 -3.66
H161 PSO C . 0.93 -3.44 0.46
H162 PSO C . -0.76 -3.88 0.69
H163 PSO C . -0.09 -3.66 -0.97
O1 PSO C . -2.21 -1.97 1.36
C2 PSO C . -3.11 -1.57 2.14
C3 PSO C . -3.20 -0.15 2.64
C4 PSO C . -2.25 0.83 2.03
C5 PSO C . -0.39 1.03 0.53
C6 PSO C . 0.56 0.47 -0.35
C7 PSO C . 0.55 -0.85 -0.59
C8 PSO C . -0.30 -1.68 0.14
C9 PSO C . -1.36 -1.14 0.90
C10 PSO C . -1.36 0.23 1.14
C4' PSO C . 1.90 1.01 -0.71
C5' PSO C . 2.41 -0.18 -1.52
O6' PSO C . 1.50 -1.27 -1.31
O11 PSO C . -3.96 -2.37 2.48
C12 PSO C . -1.57 1.79 3.03
C13 PSO C . 1.90 2.39 -1.38
O14 PSO C . 0.86 2.62 -2.30
C15 PSO C . 2.56 0.30 -2.96
C16 PSO C . -0.05 -3.16 0.12
H3 PSO C . -3.18 -0.04 3.72
H5 PSO C . -0.47 2.08 0.81
H121 PSO C . -2.21 1.91 3.90
H122 PSO C . -0.65 1.33 3.36
H123 PSO C . -1.35 2.76 2.60
H131 PSO C . 1.71 3.02 -0.61
H132 PSO C . 2.86 2.69 -1.78
H14 PSO C . 0.02 2.39 -1.88
H151 PSO C . 1.63 0.74 -3.26
H152 PSO C . 3.35 1.05 -3.03
H153 PSO C . 2.78 -0.51 -3.63
H161 PSO C . 0.91 -3.29 0.61
H162 PSO C . -0.77 -3.72 0.68
H163 PSO C . 0.06 -3.50 -0.90
O1 PSO C . -2.18 -2.05 1.33
C2 PSO C . -3.08 -1.66 2.12
C3 PSO C . -3.19 -0.24 2.64
C4 PSO C . -2.24 0.76 2.02
C5 PSO C . -0.39 0.99 0.51
C6 PSO C . 0.54 0.44 -0.38
C7 PSO C . 0.55 -0.88 -0.65
C8 PSO C . -0.31 -1.72 0.06
C9 PSO C . -1.36 -1.20 0.86
C10 PSO C . -1.35 0.17 1.12
C4' PSO C . 1.89 0.98 -0.73
C5' PSO C . 2.41 -0.19 -1.56
O6' PSO C . 1.48 -1.28 -1.38
O11 PSO C . -3.90 -2.48 2.50
C12 PSO C . -1.57 1.70 3.03
C13 PSO C . 1.90 2.37 -1.40
O14 PSO C . 0.85 2.60 -2.31
C15 PSO C . 2.60 0.30 -2.99
C16 PSO C . -0.11 -3.21 0.01
H3 PSO C . -3.18 -0.15 3.71
H5 PSO C . -0.48 2.03 0.81
H121 PSO C . -2.21 1.82 3.91
H122 PSO C . -0.64 1.26 3.35
H123 PSO C . -1.37 2.69 2.61
H131 PSO C . 1.71 3.00 -0.61
H132 PSO C . 2.87 2.68 -1.79
H14 PSO C . 0.02 2.37 -1.89
H151 PSO C . 1.66 0.75 -3.31
H152 PSO C . 3.38 1.04 -3.03
H153 PSO C . 2.80 -0.51 -3.66
H161 PSO C . 0.87 -3.44 -0.41
H162 PSO C . -0.12 -3.57 1.03
H163 PSO C . -0.91 -3.66 -0.55
#